data_5FF2
#
_entry.id   5FF2
#
_cell.length_a   51.230
_cell.length_b   79.090
_cell.length_c   86.100
_cell.angle_alpha   90.00
_cell.angle_beta   90.00
_cell.angle_gamma   90.00
#
_symmetry.space_group_name_H-M   'P 21 21 21'
#
loop_
_entity.id
_entity.type
_entity.pdbx_description
1 polymer '[FeFe] hydrogenase maturase subunit HydE'
2 non-polymer 'IRON/SULFUR CLUSTER'
3 non-polymer 3-[(3-CHOLAMIDOPROPYL)DIMETHYLAMMONIO]-1-PROPANESULFONATE
4 non-polymer 'CHLORIDE ION'
5 non-polymer S-ADENOSYL-L-HOMOCYSTEINE
6 non-polymer '(2~{R},4~{R})-1,3-thiazolidine-2,4-dicarboxylic acid'
7 non-polymer 'HYDROSULFURIC ACID'
8 water water
#
_entity_poly.entity_id   1
_entity_poly.type   'polypeptide(L)'
_entity_poly.pdbx_seq_one_letter_code
;MTGREILEKLERREFTREVLKEALSINDRGFNEALFKLADEIRRKYVGDEVHIRAIIEFSNVCRKNCLYCGLRRDNKNLK
RYRMTPEEIVERARLAVQFGAKTIVLQSGEDPYYMPDVISDIVKEIKKMGVAVTLSLGEWPREYYEKWKEAGADRYLLRH
ETANPVLHRKLRPDTSFENRLNCLLTLKELGYETGAGSMVGLPGQTIDDLVDDLLFLKEHDFDMVGIGPFIPHPDTPLAN
EKKGDFTLTLKMVALTRILLPDSNIPATTAMGTIVPGGREITLRCGANVIMPNWTPSPYRQLYQLYPGKICVFEKDTACI
PCVMKMIELLGRKPGRDWGGRKRVFETV
;
_entity_poly.pdbx_strand_id   A
#
# COMPACT_ATOMS: atom_id res chain seq x y z
N MET A 1 -19.03 24.82 -5.97
CA MET A 1 -19.61 24.38 -7.27
C MET A 1 -20.45 23.11 -7.19
N THR A 2 -21.22 22.81 -8.24
CA THR A 2 -22.09 21.63 -8.25
C THR A 2 -21.22 20.45 -8.64
N GLY A 3 -21.79 19.25 -8.52
CA GLY A 3 -21.09 18.06 -8.90
C GLY A 3 -20.53 18.20 -10.30
N ARG A 4 -21.35 18.60 -11.28
CA ARG A 4 -20.87 18.73 -12.65
C ARG A 4 -19.74 19.70 -12.74
N GLU A 5 -19.81 20.78 -11.98
CA GLU A 5 -18.75 21.75 -11.99
C GLU A 5 -17.45 21.22 -11.35
N ILE A 6 -17.57 20.48 -10.27
CA ILE A 6 -16.37 19.87 -9.67
C ILE A 6 -15.70 18.89 -10.61
N LEU A 7 -16.52 18.08 -11.30
CA LEU A 7 -15.96 17.17 -12.31
C LEU A 7 -15.25 17.88 -13.43
N GLU A 8 -15.81 18.98 -13.87
CA GLU A 8 -15.15 19.76 -14.89
C GLU A 8 -13.84 20.30 -14.43
N LYS A 9 -13.76 20.76 -13.19
CA LYS A 9 -12.51 21.28 -12.66
C LYS A 9 -11.48 20.13 -12.55
N LEU A 10 -11.94 18.96 -12.11
CA LEU A 10 -11.03 17.82 -12.10
C LEU A 10 -10.51 17.42 -13.48
N GLU A 11 -11.37 17.46 -14.49
CA GLU A 11 -10.94 17.14 -15.84
C GLU A 11 -9.93 18.14 -16.37
N ARG A 12 -10.07 19.41 -16.01
CA ARG A 12 -9.13 20.50 -16.40
C ARG A 12 -7.94 20.60 -15.49
N ARG A 13 -7.85 19.65 -14.54
CA ARG A 13 -6.78 19.63 -13.54
C ARG A 13 -6.61 20.88 -12.69
N GLU A 14 -7.73 21.46 -12.28
CA GLU A 14 -7.75 22.58 -11.33
C GLU A 14 -7.94 21.98 -9.95
N PHE A 15 -6.83 21.52 -9.37
CA PHE A 15 -6.81 20.73 -8.14
C PHE A 15 -6.64 21.58 -6.91
N THR A 16 -7.58 22.45 -6.68
CA THR A 16 -7.51 23.34 -5.55
C THR A 16 -8.00 22.55 -4.31
N ARG A 17 -7.64 23.01 -3.09
CA ARG A 17 -8.21 22.48 -1.89
C ARG A 17 -9.72 22.47 -1.91
N GLU A 18 -10.35 23.53 -2.40
CA GLU A 18 -11.77 23.61 -2.41
CA GLU A 18 -11.82 23.63 -2.42
C GLU A 18 -12.36 22.53 -3.35
N VAL A 19 -11.75 22.31 -4.51
CA VAL A 19 -12.30 21.28 -5.44
C VAL A 19 -12.20 19.86 -4.81
N LEU A 20 -11.07 19.57 -4.19
CA LEU A 20 -10.87 18.25 -3.55
C LEU A 20 -11.81 18.10 -2.34
N LYS A 21 -11.98 19.17 -1.53
CA LYS A 21 -12.93 19.06 -0.41
C LYS A 21 -14.34 18.75 -0.88
N GLU A 22 -14.78 19.48 -1.92
CA GLU A 22 -16.13 19.33 -2.42
C GLU A 22 -16.30 17.90 -3.03
N ALA A 23 -15.30 17.42 -3.75
CA ALA A 23 -15.34 16.06 -4.30
C ALA A 23 -15.52 15.01 -3.20
N LEU A 24 -14.85 15.18 -2.07
CA LEU A 24 -14.97 14.27 -0.93
C LEU A 24 -16.23 14.43 -0.08
N SER A 25 -16.85 15.61 -0.16
CA SER A 25 -18.05 15.93 0.62
C SER A 25 -19.37 15.61 -0.06
N ILE A 26 -19.39 15.63 -1.40
CA ILE A 26 -20.63 15.35 -2.13
C ILE A 26 -20.86 13.87 -2.09
N ASN A 27 -22.07 13.47 -1.72
CA ASN A 27 -22.40 12.04 -1.61
C ASN A 27 -23.37 11.55 -2.66
N ASP A 28 -23.68 12.40 -3.62
CA ASP A 28 -24.61 12.04 -4.65
C ASP A 28 -24.09 10.86 -5.48
N ARG A 29 -24.98 9.94 -5.79
CA ARG A 29 -24.58 8.71 -6.47
C ARG A 29 -24.05 9.02 -7.87
N GLY A 30 -24.79 9.83 -8.61
CA GLY A 30 -24.39 10.19 -9.92
C GLY A 30 -23.01 10.83 -9.94
N PHE A 31 -22.74 11.74 -9.01
CA PHE A 31 -21.42 12.34 -8.96
C PHE A 31 -20.35 11.27 -8.70
N ASN A 32 -20.57 10.45 -7.69
CA ASN A 32 -19.56 9.47 -7.35
C ASN A 32 -19.27 8.58 -8.52
N GLU A 33 -20.31 8.11 -9.22
CA GLU A 33 -20.12 7.24 -10.35
C GLU A 33 -19.30 7.91 -11.45
N ALA A 34 -19.58 9.17 -11.73
CA ALA A 34 -18.84 9.93 -12.69
C ALA A 34 -17.41 10.13 -12.28
N LEU A 35 -17.14 10.32 -10.98
CA LEU A 35 -15.77 10.43 -10.48
C LEU A 35 -15.00 9.11 -10.69
N PHE A 36 -15.66 8.01 -10.39
CA PHE A 36 -15.08 6.69 -10.58
C PHE A 36 -14.78 6.39 -12.05
N LYS A 37 -15.71 6.74 -12.93
N LYS A 37 -15.64 6.83 -12.95
CA LYS A 37 -15.49 6.60 -14.37
CA LYS A 37 -15.43 6.61 -14.37
C LYS A 37 -14.32 7.43 -14.83
C LYS A 37 -14.27 7.43 -14.84
N LEU A 38 -14.19 8.65 -14.36
CA LEU A 38 -13.07 9.52 -14.72
C LEU A 38 -11.77 8.87 -14.29
N ALA A 39 -11.70 8.41 -13.07
CA ALA A 39 -10.43 7.79 -12.59
C ALA A 39 -10.09 6.53 -13.34
N ASP A 40 -11.09 5.74 -13.67
CA ASP A 40 -10.92 4.50 -14.47
C ASP A 40 -10.36 4.81 -15.84
N GLU A 41 -10.89 5.88 -16.46
CA GLU A 41 -10.43 6.27 -17.78
C GLU A 41 -9.01 6.86 -17.73
N ILE A 42 -8.71 7.67 -16.76
CA ILE A 42 -7.34 8.16 -16.57
C ILE A 42 -6.35 7.00 -16.39
N ARG A 43 -6.72 6.03 -15.55
CA ARG A 43 -5.92 4.83 -15.38
C ARG A 43 -5.66 4.15 -16.71
N ARG A 44 -6.71 3.86 -17.45
CA ARG A 44 -6.51 3.17 -18.71
C ARG A 44 -5.62 3.97 -19.64
N LYS A 45 -5.87 5.23 -19.74
CA LYS A 45 -5.05 6.07 -20.66
C LYS A 45 -3.57 6.12 -20.33
N TYR A 46 -3.24 6.26 -19.02
CA TYR A 46 -1.85 6.45 -18.55
C TYR A 46 -1.08 5.19 -18.24
N VAL A 47 -1.77 4.23 -17.67
CA VAL A 47 -1.06 3.04 -17.24
C VAL A 47 -1.60 1.75 -17.89
N GLY A 48 -2.61 1.87 -18.75
CA GLY A 48 -3.11 0.74 -19.51
C GLY A 48 -3.85 -0.30 -18.71
N ASP A 49 -4.00 -1.47 -19.33
CA ASP A 49 -4.83 -2.58 -18.81
C ASP A 49 -4.04 -3.61 -18.01
N GLU A 50 -2.74 -3.49 -17.96
CA GLU A 50 -1.93 -4.41 -17.17
CA GLU A 50 -1.90 -4.37 -17.15
C GLU A 50 -2.17 -4.14 -15.67
N VAL A 51 -2.41 -5.22 -14.94
CA VAL A 51 -2.49 -5.17 -13.50
C VAL A 51 -1.24 -5.90 -13.01
N HIS A 52 -0.39 -5.15 -12.29
CA HIS A 52 0.86 -5.66 -11.79
C HIS A 52 0.69 -6.41 -10.51
N ILE A 53 1.31 -7.58 -10.51
CA ILE A 53 1.22 -8.49 -9.34
C ILE A 53 2.47 -8.36 -8.49
N ARG A 54 2.30 -7.99 -7.22
CA ARG A 54 3.34 -7.91 -6.25
C ARG A 54 3.12 -8.99 -5.21
N ALA A 55 3.94 -10.03 -5.19
CA ALA A 55 3.71 -11.12 -4.21
C ALA A 55 4.29 -10.71 -2.85
N ILE A 56 3.46 -10.66 -1.82
CA ILE A 56 3.90 -10.18 -0.54
C ILE A 56 4.15 -11.34 0.44
N ILE A 57 5.30 -11.32 1.04
CA ILE A 57 5.71 -12.26 2.10
C ILE A 57 5.87 -11.43 3.36
N GLU A 58 4.97 -11.71 4.31
CA GLU A 58 4.95 -11.04 5.62
C GLU A 58 5.78 -11.96 6.51
N PHE A 59 7.07 -11.66 6.62
CA PHE A 59 8.06 -12.65 7.11
C PHE A 59 8.25 -12.66 8.62
N SER A 60 7.76 -11.62 9.30
CA SER A 60 7.83 -11.50 10.76
C SER A 60 6.72 -10.63 11.26
N ASN A 61 6.05 -11.02 12.34
CA ASN A 61 5.07 -10.12 12.94
C ASN A 61 5.58 -9.53 14.27
N VAL A 62 6.92 -9.59 14.50
CA VAL A 62 7.54 -8.93 15.66
C VAL A 62 7.59 -7.45 15.38
N CYS A 63 7.15 -6.62 16.35
CA CYS A 63 7.32 -5.21 16.19
C CYS A 63 7.72 -4.53 17.52
N ARG A 64 8.61 -3.56 17.35
CA ARG A 64 9.10 -2.68 18.47
C ARG A 64 8.16 -1.46 18.69
N LYS A 65 7.34 -1.10 17.73
CA LYS A 65 6.50 0.05 17.86
C LYS A 65 5.11 -0.32 18.42
N ASN A 66 4.32 0.71 18.74
CA ASN A 66 3.08 0.52 19.47
C ASN A 66 1.94 1.30 18.89
N CYS A 67 1.91 1.35 17.54
CA CYS A 67 0.87 2.14 16.85
C CYS A 67 -0.54 1.71 17.33
N LEU A 68 -1.39 2.71 17.59
CA LEU A 68 -2.65 2.44 18.30
C LEU A 68 -3.65 1.60 17.52
N TYR A 69 -3.52 1.67 16.21
CA TYR A 69 -4.43 0.98 15.26
C TYR A 69 -4.06 -0.44 14.93
N CYS A 70 -2.80 -0.85 15.20
CA CYS A 70 -2.27 -2.02 14.61
C CYS A 70 -2.25 -3.25 15.50
N GLY A 71 -2.73 -4.38 15.02
CA GLY A 71 -2.72 -5.60 15.78
C GLY A 71 -1.35 -6.16 16.13
N LEU A 72 -0.30 -5.73 15.40
CA LEU A 72 1.07 -6.16 15.71
C LEU A 72 1.79 -5.27 16.74
N ARG A 73 1.11 -4.25 17.25
CA ARG A 73 1.70 -3.35 18.26
C ARG A 73 2.36 -4.13 19.39
N ARG A 74 3.46 -3.56 19.89
CA ARG A 74 4.24 -4.32 20.88
C ARG A 74 3.45 -4.70 22.14
N ASP A 75 2.49 -3.88 22.53
CA ASP A 75 1.69 -4.16 23.76
C ASP A 75 0.64 -5.26 23.57
N ASN A 76 0.44 -5.73 22.34
CA ASN A 76 -0.50 -6.86 22.14
C ASN A 76 0.13 -8.19 22.53
N LYS A 77 -0.18 -8.66 23.73
CA LYS A 77 0.29 -9.98 24.24
C LYS A 77 -0.56 -11.13 23.73
N ASN A 78 -1.72 -10.86 23.10
CA ASN A 78 -2.61 -11.97 22.65
CA ASN A 78 -2.67 -11.91 22.61
C ASN A 78 -2.36 -12.39 21.20
N LEU A 79 -1.10 -12.38 20.82
CA LEU A 79 -0.74 -12.71 19.45
C LEU A 79 0.50 -13.58 19.50
N LYS A 80 0.50 -14.73 18.85
CA LYS A 80 1.67 -15.58 18.72
C LYS A 80 2.58 -14.85 17.73
N ARG A 81 3.79 -14.58 18.14
CA ARG A 81 4.79 -13.96 17.32
C ARG A 81 5.59 -15.02 16.57
N TYR A 82 5.96 -14.68 15.32
CA TYR A 82 6.73 -15.58 14.49
C TYR A 82 7.79 -14.81 13.68
N ARG A 83 8.85 -15.53 13.29
CA ARG A 83 9.89 -15.09 12.38
C ARG A 83 10.22 -16.19 11.40
N MET A 84 10.08 -15.94 10.10
CA MET A 84 10.63 -16.84 9.09
C MET A 84 12.16 -16.81 9.04
N THR A 85 12.83 -17.95 8.83
CA THR A 85 14.24 -17.94 8.67
C THR A 85 14.61 -17.34 7.35
N PRO A 86 15.82 -16.83 7.21
CA PRO A 86 16.24 -16.30 5.92
C PRO A 86 16.12 -17.34 4.81
N GLU A 87 16.45 -18.60 5.05
CA GLU A 87 16.29 -19.63 4.02
C GLU A 87 14.82 -19.79 3.61
N GLU A 88 13.92 -19.83 4.58
CA GLU A 88 12.49 -19.93 4.31
C GLU A 88 12.05 -18.77 3.46
N ILE A 89 12.50 -17.57 3.75
CA ILE A 89 12.06 -16.38 3.01
C ILE A 89 12.57 -16.45 1.61
N VAL A 90 13.84 -16.80 1.40
CA VAL A 90 14.36 -16.90 0.02
C VAL A 90 13.63 -17.96 -0.75
N GLU A 91 13.42 -19.13 -0.17
CA GLU A 91 12.78 -20.23 -0.93
C GLU A 91 11.31 -19.90 -1.20
N ARG A 92 10.64 -19.17 -0.29
CA ARG A 92 9.30 -18.80 -0.51
C ARG A 92 9.19 -17.72 -1.65
N ALA A 93 10.14 -16.79 -1.68
CA ALA A 93 10.30 -15.90 -2.80
C ALA A 93 10.52 -16.64 -4.13
N ARG A 94 11.43 -17.64 -4.13
CA ARG A 94 11.68 -18.40 -5.33
C ARG A 94 10.38 -19.07 -5.79
N LEU A 95 9.54 -19.61 -4.87
CA LEU A 95 8.28 -20.21 -5.28
C LEU A 95 7.36 -19.18 -5.96
N ALA A 96 7.30 -17.94 -5.44
CA ALA A 96 6.52 -16.92 -6.05
C ALA A 96 7.01 -16.57 -7.44
N VAL A 97 8.33 -16.49 -7.64
CA VAL A 97 8.90 -16.28 -8.95
C VAL A 97 8.56 -17.45 -9.90
N GLN A 98 8.61 -18.69 -9.39
CA GLN A 98 8.19 -19.84 -10.18
C GLN A 98 6.73 -19.73 -10.62
N PHE A 99 5.88 -19.13 -9.77
CA PHE A 99 4.48 -18.92 -10.03
C PHE A 99 4.21 -17.68 -10.91
N GLY A 100 5.25 -16.97 -11.33
CA GLY A 100 5.16 -15.82 -12.20
C GLY A 100 5.22 -14.44 -11.61
N ALA A 101 5.50 -14.31 -10.32
CA ALA A 101 5.56 -12.99 -9.70
C ALA A 101 6.80 -12.32 -10.26
N LYS A 102 6.60 -11.01 -10.67
CA LYS A 102 7.75 -10.26 -11.19
CA LYS A 102 7.69 -10.22 -11.21
C LYS A 102 8.26 -9.19 -10.20
N THR A 103 7.55 -9.02 -9.07
CA THR A 103 8.00 -8.29 -7.89
C THR A 103 7.74 -9.11 -6.65
N ILE A 104 8.70 -9.13 -5.74
CA ILE A 104 8.58 -9.74 -4.43
C ILE A 104 8.57 -8.56 -3.42
N VAL A 105 7.54 -8.51 -2.58
CA VAL A 105 7.45 -7.59 -1.45
C VAL A 105 7.77 -8.31 -0.17
N LEU A 106 8.75 -7.79 0.58
CA LEU A 106 9.06 -8.27 1.88
C LEU A 106 8.54 -7.25 2.89
N GLN A 107 7.57 -7.69 3.72
CA GLN A 107 6.93 -6.86 4.74
C GLN A 107 7.05 -7.48 6.10
N SER A 108 7.22 -6.64 7.12
CA SER A 108 7.27 -7.10 8.49
C SER A 108 6.87 -5.99 9.44
N GLY A 109 6.64 -6.40 10.70
CA GLY A 109 6.69 -5.45 11.77
C GLY A 109 8.13 -4.90 11.82
N GLU A 110 8.33 -3.85 12.61
CA GLU A 110 9.67 -3.33 12.85
C GLU A 110 10.42 -4.25 13.79
N ASP A 111 10.97 -5.32 13.23
CA ASP A 111 11.61 -6.45 13.95
C ASP A 111 13.09 -6.26 13.90
N PRO A 112 13.75 -5.86 15.01
CA PRO A 112 15.19 -5.59 14.95
C PRO A 112 16.09 -6.77 14.51
N TYR A 113 15.60 -8.00 14.64
N TYR A 113 15.63 -7.99 14.60
CA TYR A 113 16.46 -9.17 14.50
CA TYR A 113 16.52 -9.10 14.48
C TYR A 113 17.19 -9.17 13.20
C TYR A 113 17.22 -9.16 13.16
N TYR A 114 16.51 -8.81 12.09
N TYR A 114 16.53 -8.83 12.08
CA TYR A 114 17.01 -8.91 10.71
CA TYR A 114 17.11 -8.92 10.74
C TYR A 114 17.84 -7.72 10.25
C TYR A 114 17.86 -7.69 10.27
N MET A 115 17.86 -6.64 11.09
CA MET A 115 18.25 -5.34 10.55
C MET A 115 19.67 -4.96 10.88
N PRO A 116 20.48 -4.53 9.91
CA PRO A 116 20.19 -4.49 8.47
C PRO A 116 20.71 -5.68 7.73
N ASP A 117 21.61 -6.47 8.26
CA ASP A 117 22.40 -7.37 7.41
C ASP A 117 21.66 -8.61 6.91
N VAL A 118 20.75 -9.16 7.72
CA VAL A 118 20.06 -10.41 7.26
C VAL A 118 19.16 -9.99 6.09
N ILE A 119 18.50 -8.84 6.18
CA ILE A 119 17.71 -8.34 5.05
C ILE A 119 18.60 -8.17 3.82
N SER A 120 19.78 -7.52 3.96
CA SER A 120 20.67 -7.38 2.78
C SER A 120 20.95 -8.75 2.17
N ASP A 121 21.26 -9.73 2.96
CA ASP A 121 21.58 -11.05 2.44
C ASP A 121 20.38 -11.63 1.64
N ILE A 122 19.18 -11.51 2.20
CA ILE A 122 17.97 -12.03 1.55
C ILE A 122 17.73 -11.31 0.23
N VAL A 123 17.84 -9.99 0.26
CA VAL A 123 17.63 -9.20 -0.94
C VAL A 123 18.58 -9.63 -2.06
N LYS A 124 19.86 -9.80 -1.71
CA LYS A 124 20.83 -10.19 -2.73
C LYS A 124 20.45 -11.54 -3.36
N GLU A 125 19.97 -12.48 -2.55
CA GLU A 125 19.58 -13.79 -3.07
C GLU A 125 18.37 -13.73 -3.98
N ILE A 126 17.38 -12.92 -3.62
CA ILE A 126 16.19 -12.79 -4.40
C ILE A 126 16.47 -12.08 -5.73
N LYS A 127 17.33 -11.06 -5.65
CA LYS A 127 17.70 -10.32 -6.87
C LYS A 127 18.37 -11.20 -7.94
N LYS A 128 19.00 -12.28 -7.54
CA LYS A 128 19.56 -13.23 -8.53
C LYS A 128 18.50 -13.86 -9.41
N MET A 129 17.24 -13.83 -8.97
N MET A 129 17.23 -13.80 -9.01
CA MET A 129 16.13 -14.45 -9.67
CA MET A 129 16.14 -14.43 -9.74
C MET A 129 15.55 -13.55 -10.78
C MET A 129 15.56 -13.53 -10.81
N GLY A 130 16.11 -12.35 -10.93
CA GLY A 130 15.73 -11.42 -12.01
C GLY A 130 14.37 -10.77 -11.86
N VAL A 131 13.97 -10.50 -10.62
CA VAL A 131 12.74 -9.80 -10.31
C VAL A 131 13.02 -8.53 -9.54
N ALA A 132 12.01 -7.68 -9.43
CA ALA A 132 12.05 -6.48 -8.59
C ALA A 132 11.84 -6.95 -7.12
N VAL A 133 12.54 -6.25 -6.22
CA VAL A 133 12.34 -6.41 -4.79
C VAL A 133 11.87 -5.11 -4.17
N THR A 134 10.79 -5.18 -3.42
CA THR A 134 10.19 -4.05 -2.70
C THR A 134 10.29 -4.41 -1.21
N LEU A 135 10.70 -3.45 -0.40
CA LEU A 135 10.78 -3.63 1.06
C LEU A 135 9.67 -2.81 1.69
N SER A 136 9.11 -3.31 2.78
CA SER A 136 8.12 -2.56 3.59
C SER A 136 8.39 -2.93 5.04
N LEU A 137 9.45 -2.32 5.61
CA LEU A 137 9.99 -2.69 6.94
C LEU A 137 9.85 -1.62 8.00
N GLY A 138 9.24 -0.48 7.61
CA GLY A 138 9.10 0.62 8.61
C GLY A 138 10.23 1.61 8.55
N GLU A 139 10.36 2.25 9.70
CA GLU A 139 11.32 3.35 9.86
C GLU A 139 12.65 2.83 10.40
N TRP A 140 13.73 3.15 9.68
CA TRP A 140 15.10 2.71 10.06
C TRP A 140 16.06 3.84 9.72
N PRO A 141 17.30 3.76 10.29
CA PRO A 141 18.30 4.73 9.92
C PRO A 141 18.62 4.77 8.44
N ARG A 142 18.88 5.98 7.97
CA ARG A 142 19.50 6.11 6.61
CA ARG A 142 19.44 6.07 6.57
C ARG A 142 20.48 5.04 6.17
N GLU A 143 21.36 4.72 7.09
CA GLU A 143 22.36 3.70 6.84
C GLU A 143 21.76 2.36 6.43
N TYR A 144 20.67 2.01 7.05
CA TYR A 144 20.04 0.73 6.75
C TYR A 144 19.45 0.80 5.36
N TYR A 145 18.72 1.84 5.08
CA TYR A 145 18.17 2.06 3.78
C TYR A 145 19.25 2.05 2.68
N GLU A 146 20.41 2.63 2.97
CA GLU A 146 21.49 2.68 2.00
CA GLU A 146 21.49 2.68 2.00
C GLU A 146 22.01 1.26 1.72
N LYS A 147 22.22 0.47 2.79
CA LYS A 147 22.71 -0.92 2.65
C LYS A 147 21.73 -1.76 1.83
N TRP A 148 20.45 -1.52 2.04
CA TRP A 148 19.44 -2.33 1.31
C TRP A 148 19.37 -1.93 -0.14
N LYS A 149 19.61 -0.65 -0.45
CA LYS A 149 19.67 -0.21 -1.84
C LYS A 149 20.95 -0.82 -2.53
N GLU A 150 22.06 -0.80 -1.84
CA GLU A 150 23.29 -1.37 -2.41
C GLU A 150 23.10 -2.88 -2.63
N ALA A 151 22.33 -3.56 -1.73
CA ALA A 151 22.03 -4.97 -1.83
C ALA A 151 21.16 -5.31 -3.07
N GLY A 152 20.49 -4.29 -3.59
CA GLY A 152 19.70 -4.45 -4.78
C GLY A 152 18.22 -4.14 -4.69
N ALA A 153 17.75 -3.70 -3.53
CA ALA A 153 16.33 -3.41 -3.41
C ALA A 153 15.95 -2.31 -4.36
N ASP A 154 14.77 -2.44 -4.98
CA ASP A 154 14.27 -1.51 -5.99
C ASP A 154 13.30 -0.47 -5.48
N ARG A 155 12.44 -0.85 -4.55
CA ARG A 155 11.31 -0.05 -4.10
C ARG A 155 11.15 -0.15 -2.59
N TYR A 156 10.45 0.80 -2.01
CA TYR A 156 10.20 0.81 -0.58
C TYR A 156 8.82 1.40 -0.36
N LEU A 157 7.97 0.71 0.41
CA LEU A 157 6.66 1.18 0.80
C LEU A 157 6.67 1.68 2.22
N LEU A 158 6.28 2.91 2.39
CA LEU A 158 6.21 3.52 3.75
C LEU A 158 5.05 4.46 3.76
N ARG A 159 3.88 3.96 4.07
CA ARG A 159 2.67 4.78 4.04
C ARG A 159 2.86 5.93 5.03
N HIS A 160 2.48 7.13 4.61
CA HIS A 160 2.60 8.25 5.55
C HIS A 160 1.50 8.23 6.61
N GLU A 161 0.47 7.44 6.43
CA GLU A 161 -0.59 7.08 7.42
C GLU A 161 -1.65 8.20 7.56
N THR A 162 -1.14 9.37 7.96
CA THR A 162 -1.93 10.61 8.04
C THR A 162 -0.95 11.77 7.98
N ALA A 163 -1.29 12.75 7.20
CA ALA A 163 -0.49 13.99 7.02
C ALA A 163 -0.84 15.03 8.12
N ASN A 164 -1.73 14.68 9.04
CA ASN A 164 -2.04 15.59 10.19
C ASN A 164 -1.01 15.28 11.30
N PRO A 165 -0.04 16.18 11.57
CA PRO A 165 1.05 15.78 12.48
C PRO A 165 0.58 15.46 13.92
N VAL A 166 -0.45 16.17 14.35
CA VAL A 166 -1.02 15.98 15.69
C VAL A 166 -1.68 14.58 15.77
N LEU A 167 -2.52 14.24 14.80
CA LEU A 167 -3.14 12.93 14.78
C LEU A 167 -2.10 11.80 14.61
N HIS A 168 -1.11 12.09 13.77
CA HIS A 168 -0.01 11.11 13.53
C HIS A 168 0.72 10.78 14.81
N ARG A 169 1.08 11.81 15.60
CA ARG A 169 1.84 11.56 16.80
C ARG A 169 0.99 10.82 17.86
N LYS A 170 -0.31 11.13 17.95
CA LYS A 170 -1.21 10.47 18.88
C LYS A 170 -1.36 8.98 18.52
N LEU A 171 -1.49 8.67 17.22
CA LEU A 171 -1.71 7.29 16.80
C LEU A 171 -0.41 6.48 16.74
N ARG A 172 0.72 7.17 16.63
CA ARG A 172 2.03 6.53 16.48
C ARG A 172 3.02 7.13 17.49
N PRO A 173 2.83 6.73 18.76
CA PRO A 173 3.48 7.43 19.84
C PRO A 173 4.99 7.27 19.94
N ASP A 174 5.57 6.36 19.17
CA ASP A 174 7.01 6.19 19.12
C ASP A 174 7.74 7.16 18.18
N THR A 175 6.95 7.86 17.38
CA THR A 175 7.50 8.58 16.27
C THR A 175 6.65 9.79 15.92
N SER A 176 6.81 10.28 14.69
CA SER A 176 6.17 11.53 14.28
C SER A 176 6.02 11.57 12.77
N PHE A 177 5.12 12.40 12.31
CA PHE A 177 5.00 12.70 10.89
C PHE A 177 6.32 13.24 10.35
N GLU A 178 7.02 14.09 11.09
CA GLU A 178 8.30 14.59 10.59
C GLU A 178 9.27 13.47 10.30
N ASN A 179 9.32 12.53 11.25
N ASN A 179 9.32 12.55 11.26
CA ASN A 179 10.21 11.42 11.01
CA ASN A 179 10.21 11.42 11.05
C ASN A 179 9.79 10.60 9.80
C ASN A 179 9.80 10.62 9.80
N ARG A 180 8.52 10.31 9.72
CA ARG A 180 7.99 9.51 8.60
C ARG A 180 8.32 10.16 7.25
N LEU A 181 8.09 11.47 7.16
CA LEU A 181 8.41 12.22 5.94
C LEU A 181 9.92 12.17 5.70
N ASN A 182 10.72 12.39 6.74
CA ASN A 182 12.14 12.34 6.51
C ASN A 182 12.59 10.98 5.96
N CYS A 183 11.99 9.90 6.47
CA CYS A 183 12.31 8.58 5.92
C CYS A 183 11.94 8.51 4.41
N LEU A 184 10.77 9.02 4.07
CA LEU A 184 10.29 9.01 2.69
C LEU A 184 11.19 9.81 1.77
N LEU A 185 11.65 10.97 2.28
CA LEU A 185 12.60 11.81 1.51
C LEU A 185 13.96 11.15 1.33
N THR A 186 14.42 10.44 2.37
CA THR A 186 15.68 9.70 2.29
C THR A 186 15.61 8.62 1.31
N LEU A 187 14.53 7.83 1.36
CA LEU A 187 14.32 6.75 0.38
C LEU A 187 14.34 7.29 -1.06
N LYS A 188 13.64 8.37 -1.35
CA LYS A 188 13.69 8.92 -2.69
CA LYS A 188 13.68 8.92 -2.72
C LYS A 188 15.09 9.37 -3.11
N GLU A 189 15.79 10.01 -2.18
CA GLU A 189 17.19 10.49 -2.43
C GLU A 189 18.10 9.37 -2.78
N LEU A 190 17.88 8.21 -2.15
CA LEU A 190 18.68 7.04 -2.36
C LEU A 190 18.37 6.31 -3.66
N GLY A 191 17.31 6.67 -4.34
CA GLY A 191 16.99 6.13 -5.67
C GLY A 191 15.94 5.04 -5.63
N TYR A 192 15.29 4.78 -4.45
CA TYR A 192 14.16 3.89 -4.43
C TYR A 192 12.99 4.44 -5.20
N GLU A 193 12.19 3.57 -5.86
CA GLU A 193 10.81 3.92 -6.16
CA GLU A 193 10.80 3.92 -6.16
C GLU A 193 10.08 3.84 -4.83
N THR A 194 9.35 4.89 -4.49
N THR A 194 9.38 4.92 -4.46
CA THR A 194 8.88 5.05 -3.15
CA THR A 194 8.87 5.00 -3.13
C THR A 194 7.35 5.15 -3.10
C THR A 194 7.36 5.14 -3.10
N GLY A 195 6.78 4.42 -2.15
CA GLY A 195 5.38 4.40 -1.93
C GLY A 195 4.96 5.01 -0.63
N ALA A 196 3.91 5.83 -0.67
CA ALA A 196 3.33 6.45 0.52
C ALA A 196 1.86 6.05 0.55
N GLY A 197 1.00 6.82 1.18
CA GLY A 197 -0.39 6.47 1.29
C GLY A 197 -0.87 6.51 2.71
N SER A 198 -2.15 6.23 2.92
CA SER A 198 -2.76 6.59 4.22
C SER A 198 -3.95 5.68 4.45
N MET A 199 -4.40 5.68 5.69
CA MET A 199 -5.66 5.06 6.06
C MET A 199 -6.76 6.11 6.04
N VAL A 200 -7.95 5.64 5.71
CA VAL A 200 -9.12 6.47 5.67
C VAL A 200 -10.12 6.05 6.74
N GLY A 201 -10.62 7.01 7.55
CA GLY A 201 -11.58 6.70 8.59
C GLY A 201 -10.95 6.45 9.94
N LEU A 202 -9.71 6.92 10.11
CA LEU A 202 -9.05 6.89 11.43
C LEU A 202 -9.89 7.69 12.45
N PRO A 203 -9.90 7.27 13.71
CA PRO A 203 -10.61 8.09 14.72
C PRO A 203 -10.01 9.51 14.77
N GLY A 204 -10.88 10.52 14.68
CA GLY A 204 -10.44 11.91 14.73
C GLY A 204 -10.03 12.52 13.42
N GLN A 205 -9.96 11.69 12.36
CA GLN A 205 -9.55 12.17 11.08
C GLN A 205 -10.76 12.84 10.38
N THR A 206 -10.57 14.01 9.81
CA THR A 206 -11.67 14.75 9.21
C THR A 206 -11.54 14.72 7.67
N ILE A 207 -12.57 15.21 6.99
CA ILE A 207 -12.46 15.37 5.54
C ILE A 207 -11.31 16.32 5.17
N ASP A 208 -11.14 17.43 5.90
CA ASP A 208 -10.04 18.31 5.63
C ASP A 208 -8.68 17.58 5.72
N ASP A 209 -8.59 16.62 6.64
CA ASP A 209 -7.38 15.80 6.78
C ASP A 209 -7.13 14.94 5.50
N LEU A 210 -8.20 14.38 5.00
CA LEU A 210 -8.10 13.62 3.78
C LEU A 210 -7.69 14.47 2.57
N VAL A 211 -8.20 15.73 2.46
CA VAL A 211 -7.72 16.67 1.47
C VAL A 211 -6.21 16.89 1.61
N ASP A 212 -5.74 17.10 2.87
CA ASP A 212 -4.30 17.28 3.12
C ASP A 212 -3.48 16.06 2.71
N ASP A 213 -4.06 14.85 2.92
CA ASP A 213 -3.42 13.59 2.42
C ASP A 213 -3.28 13.65 0.90
N LEU A 214 -4.33 14.00 0.19
CA LEU A 214 -4.21 14.15 -1.30
C LEU A 214 -3.18 15.17 -1.73
N LEU A 215 -3.18 16.36 -1.10
CA LEU A 215 -2.22 17.43 -1.47
C LEU A 215 -0.78 17.05 -1.17
N PHE A 216 -0.60 16.29 -0.09
CA PHE A 216 0.73 15.74 0.28
C PHE A 216 1.23 14.75 -0.74
N LEU A 217 0.32 13.92 -1.22
CA LEU A 217 0.71 12.93 -2.23
C LEU A 217 1.06 13.60 -3.53
N LYS A 218 0.25 14.59 -3.90
CA LYS A 218 0.49 15.38 -5.08
C LYS A 218 1.82 16.15 -4.99
N GLU A 219 2.08 16.78 -3.81
CA GLU A 219 3.32 17.52 -3.59
C GLU A 219 4.58 16.72 -3.92
N HIS A 220 4.61 15.45 -3.44
CA HIS A 220 5.85 14.63 -3.45
C HIS A 220 5.93 13.70 -4.61
N ASP A 221 4.84 13.62 -5.35
CA ASP A 221 4.77 12.89 -6.62
C ASP A 221 5.21 11.42 -6.49
N PHE A 222 4.61 10.71 -5.52
CA PHE A 222 5.11 9.39 -5.17
C PHE A 222 4.91 8.44 -6.34
N ASP A 223 5.80 7.44 -6.37
CA ASP A 223 5.70 6.38 -7.36
C ASP A 223 4.54 5.45 -7.15
N MET A 224 4.25 5.19 -5.91
CA MET A 224 3.18 4.31 -5.50
CA MET A 224 3.16 4.32 -5.50
C MET A 224 2.41 4.95 -4.37
N VAL A 225 1.09 4.68 -4.30
CA VAL A 225 0.24 5.12 -3.21
C VAL A 225 -0.71 4.01 -2.72
N GLY A 226 -0.51 3.56 -1.49
CA GLY A 226 -1.31 2.54 -0.84
C GLY A 226 -2.34 3.14 0.09
N ILE A 227 -3.63 2.87 -0.25
CA ILE A 227 -4.72 3.48 0.51
C ILE A 227 -5.67 2.36 0.89
N GLY A 228 -6.10 2.35 2.15
CA GLY A 228 -7.15 1.51 2.58
C GLY A 228 -7.90 2.13 3.73
N PRO A 229 -9.02 1.43 4.06
CA PRO A 229 -9.77 1.89 5.24
C PRO A 229 -9.04 1.46 6.53
N PHE A 230 -9.21 2.25 7.57
CA PHE A 230 -8.94 1.79 8.93
C PHE A 230 -9.93 0.71 9.30
N ILE A 231 -9.39 -0.41 9.79
CA ILE A 231 -10.19 -1.51 10.30
C ILE A 231 -9.83 -1.80 11.76
N PRO A 232 -10.78 -1.56 12.68
CA PRO A 232 -10.43 -1.70 14.10
CA PRO A 232 -10.45 -1.72 14.11
C PRO A 232 -10.06 -3.14 14.48
N HIS A 233 -9.06 -3.29 15.34
CA HIS A 233 -8.58 -4.57 15.79
C HIS A 233 -8.90 -4.70 17.28
N PRO A 234 -9.48 -5.83 17.68
CA PRO A 234 -10.02 -5.96 19.06
C PRO A 234 -8.95 -5.93 20.13
N ASP A 235 -7.69 -6.21 19.82
CA ASP A 235 -6.60 -6.23 20.84
C ASP A 235 -5.76 -4.93 20.79
N THR A 236 -6.42 -3.83 20.44
CA THR A 236 -5.84 -2.54 20.36
C THR A 236 -6.69 -1.49 21.05
N PRO A 237 -6.08 -0.33 21.33
CA PRO A 237 -6.85 0.70 21.99
C PRO A 237 -7.97 1.25 21.16
N LEU A 238 -7.93 0.99 19.86
CA LEU A 238 -8.96 1.52 18.96
C LEU A 238 -10.03 0.48 18.60
N ALA A 239 -10.10 -0.60 19.38
CA ALA A 239 -11.02 -1.70 19.21
C ALA A 239 -12.49 -1.29 18.96
N ASN A 240 -12.94 -0.25 19.67
CA ASN A 240 -14.37 0.16 19.66
C ASN A 240 -14.65 1.29 18.73
N GLU A 241 -13.64 1.65 17.91
CA GLU A 241 -13.83 2.75 16.96
C GLU A 241 -14.47 2.31 15.67
N LYS A 242 -15.05 3.23 14.91
CA LYS A 242 -15.78 2.87 13.63
C LYS A 242 -14.74 2.53 12.53
N LYS A 243 -15.05 1.54 11.74
CA LYS A 243 -14.28 1.23 10.55
C LYS A 243 -14.45 2.35 9.50
N GLY A 244 -13.41 2.49 8.70
CA GLY A 244 -13.44 3.43 7.60
C GLY A 244 -14.47 3.02 6.55
N ASP A 245 -15.06 4.05 5.91
CA ASP A 245 -16.10 3.87 4.94
C ASP A 245 -15.48 3.44 3.62
N PHE A 246 -16.06 2.42 3.04
CA PHE A 246 -15.55 1.90 1.76
C PHE A 246 -15.68 2.94 0.64
N THR A 247 -16.85 3.56 0.46
CA THR A 247 -17.02 4.50 -0.63
C THR A 247 -16.13 5.71 -0.52
N LEU A 248 -15.91 6.22 0.71
CA LEU A 248 -15.04 7.38 0.90
C LEU A 248 -13.60 7.01 0.53
N THR A 249 -13.24 5.78 0.95
CA THR A 249 -11.86 5.28 0.69
C THR A 249 -11.68 5.11 -0.83
N LEU A 250 -12.71 4.60 -1.52
CA LEU A 250 -12.69 4.44 -2.97
C LEU A 250 -12.54 5.78 -3.66
N LYS A 251 -13.23 6.83 -3.12
CA LYS A 251 -13.04 8.16 -3.67
C LYS A 251 -11.61 8.67 -3.50
N MET A 252 -10.96 8.33 -2.38
CA MET A 252 -9.57 8.68 -2.18
C MET A 252 -8.67 8.01 -3.21
N VAL A 253 -8.94 6.73 -3.49
CA VAL A 253 -8.23 6.05 -4.58
C VAL A 253 -8.42 6.71 -5.93
N ALA A 254 -9.69 7.02 -6.25
CA ALA A 254 -10.04 7.66 -7.55
C ALA A 254 -9.32 9.01 -7.65
N LEU A 255 -9.39 9.85 -6.63
CA LEU A 255 -8.73 11.12 -6.68
C LEU A 255 -7.24 11.05 -6.77
N THR A 256 -6.65 10.01 -6.13
CA THR A 256 -5.21 9.77 -6.20
C THR A 256 -4.78 9.51 -7.64
N ARG A 257 -5.56 8.69 -8.33
CA ARG A 257 -5.29 8.42 -9.74
C ARG A 257 -5.42 9.69 -10.59
N ILE A 258 -6.47 10.49 -10.36
CA ILE A 258 -6.66 11.76 -11.09
C ILE A 258 -5.49 12.71 -10.84
N LEU A 259 -5.04 12.77 -9.59
CA LEU A 259 -3.91 13.66 -9.21
C LEU A 259 -2.55 13.19 -9.71
N LEU A 260 -2.36 11.88 -9.71
CA LEU A 260 -1.08 11.19 -10.03
C LEU A 260 -1.33 10.16 -11.12
N PRO A 261 -1.57 10.63 -12.36
CA PRO A 261 -2.07 9.72 -13.35
C PRO A 261 -1.20 8.60 -13.78
N ASP A 262 0.13 8.75 -13.61
CA ASP A 262 1.05 7.70 -14.00
C ASP A 262 1.58 6.86 -12.83
N SER A 263 0.98 6.97 -11.67
CA SER A 263 1.45 6.28 -10.47
C SER A 263 0.96 4.81 -10.42
N ASN A 264 1.55 4.01 -9.59
CA ASN A 264 1.17 2.64 -9.34
C ASN A 264 0.35 2.66 -8.03
N ILE A 265 -0.90 2.16 -8.14
CA ILE A 265 -1.86 2.27 -7.05
C ILE A 265 -2.47 0.91 -6.79
N PRO A 266 -2.23 0.25 -5.65
CA PRO A 266 -2.87 -1.04 -5.41
C PRO A 266 -4.31 -0.99 -5.02
N ALA A 267 -5.01 -2.06 -5.34
CA ALA A 267 -6.30 -2.42 -4.76
C ALA A 267 -5.96 -3.23 -3.53
N THR A 268 -6.01 -2.61 -2.36
CA THR A 268 -5.44 -3.22 -1.16
C THR A 268 -6.30 -4.31 -0.58
N THR A 269 -5.67 -5.22 0.13
CA THR A 269 -6.36 -6.24 0.88
C THR A 269 -7.38 -5.67 1.86
N ALA A 270 -7.10 -4.55 2.48
CA ALA A 270 -8.05 -3.95 3.39
C ALA A 270 -9.37 -3.60 2.65
N MET A 271 -9.27 -3.15 1.42
CA MET A 271 -10.46 -2.83 0.61
C MET A 271 -11.29 -4.12 0.37
N GLY A 272 -10.64 -5.26 0.13
CA GLY A 272 -11.33 -6.50 -0.03
C GLY A 272 -11.85 -7.17 1.23
N THR A 273 -11.35 -6.67 2.37
CA THR A 273 -11.76 -7.12 3.72
C THR A 273 -13.05 -6.43 4.15
N ILE A 274 -13.19 -5.14 3.89
CA ILE A 274 -14.37 -4.46 4.39
C ILE A 274 -15.58 -4.65 3.51
N VAL A 275 -15.39 -4.94 2.22
CA VAL A 275 -16.50 -5.23 1.33
C VAL A 275 -16.14 -6.43 0.49
N PRO A 276 -17.02 -7.46 0.38
CA PRO A 276 -16.75 -8.53 -0.53
C PRO A 276 -16.65 -8.02 -1.97
N GLY A 277 -15.56 -8.34 -2.61
CA GLY A 277 -15.30 -7.86 -3.93
C GLY A 277 -14.68 -6.47 -4.00
N GLY A 278 -14.22 -5.94 -2.86
CA GLY A 278 -13.71 -4.59 -2.79
C GLY A 278 -12.48 -4.36 -3.62
N ARG A 279 -11.61 -5.37 -3.76
CA ARG A 279 -10.40 -5.15 -4.62
C ARG A 279 -10.77 -4.97 -6.10
N GLU A 280 -11.72 -5.78 -6.56
CA GLU A 280 -12.17 -5.73 -7.91
C GLU A 280 -12.81 -4.39 -8.23
N ILE A 281 -13.62 -3.86 -7.32
CA ILE A 281 -14.20 -2.54 -7.52
C ILE A 281 -13.04 -1.52 -7.62
N THR A 282 -12.05 -1.62 -6.74
CA THR A 282 -11.01 -0.64 -6.65
C THR A 282 -10.15 -0.64 -7.92
N LEU A 283 -9.94 -1.81 -8.50
CA LEU A 283 -9.22 -1.97 -9.78
C LEU A 283 -9.98 -1.31 -10.92
N ARG A 284 -11.29 -1.05 -10.76
CA ARG A 284 -12.10 -0.37 -11.75
C ARG A 284 -12.34 1.11 -11.43
N CYS A 285 -11.66 1.66 -10.42
CA CYS A 285 -11.88 3.00 -10.01
C CYS A 285 -10.55 3.74 -9.84
N GLY A 286 -9.49 3.22 -10.52
CA GLY A 286 -8.21 3.91 -10.50
C GLY A 286 -7.01 3.04 -10.22
N ALA A 287 -7.22 1.92 -9.55
CA ALA A 287 -6.05 1.05 -9.17
C ALA A 287 -5.57 0.20 -10.35
N ASN A 288 -4.31 -0.18 -10.30
CA ASN A 288 -3.65 -0.96 -11.33
C ASN A 288 -2.65 -1.99 -10.83
N VAL A 289 -2.64 -2.24 -9.53
CA VAL A 289 -1.68 -3.16 -8.84
C VAL A 289 -2.54 -4.03 -7.88
N ILE A 290 -2.08 -5.26 -7.73
CA ILE A 290 -2.66 -6.19 -6.73
C ILE A 290 -1.55 -6.90 -6.04
N MET A 291 -1.68 -7.13 -4.75
CA MET A 291 -0.63 -7.74 -3.93
CA MET A 291 -0.64 -7.77 -3.91
C MET A 291 -1.10 -9.10 -3.23
N PRO A 292 -1.05 -10.18 -4.01
CA PRO A 292 -1.55 -11.45 -3.45
C PRO A 292 -0.70 -11.87 -2.25
N ASN A 293 -1.37 -12.39 -1.25
CA ASN A 293 -0.72 -12.88 -0.08
C ASN A 293 0.13 -14.11 -0.39
N TRP A 294 1.41 -14.05 -0.07
CA TRP A 294 2.31 -15.17 -0.27
C TRP A 294 2.96 -15.64 1.00
N THR A 295 2.42 -15.21 2.13
CA THR A 295 2.92 -15.66 3.43
C THR A 295 2.48 -17.13 3.60
N PRO A 296 3.47 -18.01 4.00
CA PRO A 296 3.03 -19.43 4.14
C PRO A 296 2.25 -19.68 5.44
N SER A 297 1.44 -20.72 5.47
CA SER A 297 0.97 -21.27 6.76
C SER A 297 2.24 -21.83 7.44
N PRO A 298 2.35 -21.82 8.82
CA PRO A 298 1.23 -21.43 9.67
C PRO A 298 1.23 -19.98 10.09
N TYR A 299 2.02 -19.18 9.38
CA TYR A 299 2.29 -17.77 9.74
C TYR A 299 1.28 -16.81 9.21
N ARG A 300 0.73 -17.10 8.06
CA ARG A 300 -0.22 -16.20 7.39
C ARG A 300 -1.28 -15.71 8.37
N GLN A 301 -1.88 -16.65 9.14
CA GLN A 301 -2.97 -16.27 10.01
C GLN A 301 -2.52 -15.44 11.23
N LEU A 302 -1.26 -15.33 11.49
CA LEU A 302 -0.67 -14.59 12.62
C LEU A 302 -0.30 -13.17 12.25
N TYR A 303 -0.36 -12.83 11.00
CA TYR A 303 -0.05 -11.48 10.53
C TYR A 303 -1.30 -10.72 10.38
N GLN A 304 -1.76 -10.22 11.54
CA GLN A 304 -3.10 -9.57 11.64
C GLN A 304 -3.02 -8.12 12.04
N LEU A 305 -2.70 -7.25 11.07
CA LEU A 305 -2.69 -5.81 11.26
C LEU A 305 -4.09 -5.44 11.67
N TYR A 306 -5.08 -6.02 11.02
CA TYR A 306 -6.46 -5.89 11.27
C TYR A 306 -7.10 -7.26 11.16
N PRO A 307 -8.31 -7.46 11.74
CA PRO A 307 -8.86 -8.83 11.60
C PRO A 307 -9.68 -9.05 10.41
N GLY A 308 -10.00 -10.34 10.29
CA GLY A 308 -10.88 -10.85 9.29
C GLY A 308 -10.31 -10.84 7.93
N LYS A 309 -9.02 -10.76 7.84
CA LYS A 309 -8.49 -10.51 6.52
C LYS A 309 -8.92 -11.67 5.61
N ILE A 310 -9.16 -11.36 4.34
CA ILE A 310 -9.38 -12.40 3.31
C ILE A 310 -8.10 -13.15 3.02
N CYS A 311 -8.14 -14.27 2.34
CA CYS A 311 -6.94 -15.08 2.00
C CYS A 311 -6.31 -16.00 3.09
N VAL A 312 -6.84 -15.97 4.29
CA VAL A 312 -6.29 -16.72 5.43
C VAL A 312 -6.61 -18.25 5.39
N PHE A 313 -7.76 -18.63 4.86
CA PHE A 313 -8.11 -20.03 4.74
C PHE A 313 -7.65 -20.74 3.48
N GLU A 314 -7.09 -20.00 2.52
CA GLU A 314 -6.62 -20.59 1.27
C GLU A 314 -5.29 -21.30 1.47
N LYS A 315 -4.97 -22.14 0.52
CA LYS A 315 -3.69 -22.84 0.54
C LYS A 315 -2.54 -21.90 0.28
N ASP A 316 -1.31 -22.30 0.59
CA ASP A 316 -0.08 -21.46 0.52
C ASP A 316 0.10 -20.88 -0.84
N THR A 317 -0.30 -21.62 -1.90
CA THR A 317 -0.01 -21.16 -3.27
C THR A 317 -1.27 -20.59 -4.00
N ALA A 318 -2.38 -20.45 -3.31
CA ALA A 318 -3.67 -20.15 -4.00
C ALA A 318 -3.71 -18.69 -4.51
N CYS A 319 -3.07 -17.76 -3.84
CA CYS A 319 -3.39 -16.36 -4.06
C CYS A 319 -2.92 -15.76 -5.38
N ILE A 320 -1.76 -16.22 -5.90
CA ILE A 320 -1.31 -15.84 -7.24
C ILE A 320 -2.28 -16.33 -8.32
N PRO A 321 -2.63 -17.62 -8.34
CA PRO A 321 -3.68 -18.08 -9.29
C PRO A 321 -5.00 -17.30 -9.19
N CYS A 322 -5.37 -17.06 -7.93
N CYS A 322 -5.34 -16.99 -7.96
CA CYS A 322 -6.63 -16.35 -7.63
CA CYS A 322 -6.58 -16.33 -7.68
C CYS A 322 -6.65 -14.96 -8.26
C CYS A 322 -6.64 -14.94 -8.29
N VAL A 323 -5.53 -14.19 -8.17
CA VAL A 323 -5.47 -12.85 -8.77
C VAL A 323 -5.29 -12.91 -10.27
N MET A 324 -4.67 -13.96 -10.81
CA MET A 324 -4.62 -14.08 -12.25
CA MET A 324 -4.61 -14.16 -12.29
C MET A 324 -6.03 -14.30 -12.84
N LYS A 325 -6.86 -15.11 -12.16
CA LYS A 325 -8.26 -15.30 -12.59
C LYS A 325 -9.03 -13.97 -12.49
N MET A 326 -8.80 -13.24 -11.36
CA MET A 326 -9.46 -11.93 -11.17
C MET A 326 -9.17 -10.97 -12.32
N ILE A 327 -7.87 -10.87 -12.64
CA ILE A 327 -7.40 -10.00 -13.71
C ILE A 327 -8.10 -10.34 -15.05
N GLU A 328 -8.17 -11.65 -15.35
CA GLU A 328 -8.86 -12.10 -16.58
C GLU A 328 -10.36 -11.75 -16.58
N LEU A 329 -11.05 -12.05 -15.45
CA LEU A 329 -12.53 -11.81 -15.42
C LEU A 329 -12.85 -10.29 -15.45
N LEU A 330 -11.86 -9.48 -15.01
CA LEU A 330 -11.99 -8.01 -15.14
C LEU A 330 -11.70 -7.48 -16.57
N GLY A 331 -11.27 -8.38 -17.46
CA GLY A 331 -10.92 -8.02 -18.85
C GLY A 331 -9.64 -7.24 -18.91
N ARG A 332 -8.73 -7.53 -17.96
CA ARG A 332 -7.42 -6.90 -17.84
C ARG A 332 -6.34 -7.87 -18.20
N LYS A 333 -5.06 -7.46 -18.13
CA LYS A 333 -3.96 -8.32 -18.48
C LYS A 333 -2.94 -8.40 -17.40
N PRO A 334 -2.17 -9.47 -17.28
CA PRO A 334 -1.15 -9.42 -16.25
C PRO A 334 0.08 -8.57 -16.73
N GLY A 335 0.75 -7.96 -15.80
CA GLY A 335 1.97 -7.26 -16.08
C GLY A 335 3.02 -8.09 -16.77
N ARG A 336 3.66 -7.51 -17.76
CA ARG A 336 4.60 -8.20 -18.65
C ARG A 336 6.07 -8.01 -18.20
N ASP A 337 6.32 -6.97 -17.39
CA ASP A 337 7.67 -6.63 -16.91
C ASP A 337 7.61 -6.40 -15.43
N TRP A 338 8.55 -5.70 -14.81
CA TRP A 338 8.51 -5.51 -13.36
C TRP A 338 7.46 -4.52 -12.93
N GLY A 339 6.84 -3.81 -13.85
CA GLY A 339 5.82 -2.85 -13.46
C GLY A 339 6.34 -1.64 -12.72
N GLY A 340 7.54 -1.15 -13.06
CA GLY A 340 8.03 0.06 -12.48
C GLY A 340 7.23 1.26 -13.02
N ARG A 341 7.29 2.35 -12.32
CA ARG A 341 6.60 3.49 -12.78
C ARG A 341 7.10 3.96 -14.18
N LYS A 342 6.19 4.28 -15.06
CA LYS A 342 6.51 4.76 -16.47
C LYS A 342 6.01 6.16 -16.54
N ARG A 343 6.90 7.10 -16.21
CA ARG A 343 6.49 8.46 -16.05
C ARG A 343 6.06 9.07 -17.41
N VAL A 344 4.93 9.75 -17.49
CA VAL A 344 4.45 10.55 -18.65
C VAL A 344 4.62 12.03 -18.23
N PHE A 345 5.67 12.65 -18.79
CA PHE A 345 6.00 14.05 -18.47
C PHE A 345 4.99 14.92 -19.12
N GLU A 346 4.40 15.80 -18.35
CA GLU A 346 3.40 16.68 -18.87
C GLU A 346 3.79 18.11 -18.69
N THR A 347 2.79 18.97 -18.72
CA THR A 347 2.96 20.40 -18.51
C THR A 347 2.22 20.72 -17.24
#